data_7V4O
#
_entry.id   7V4O
#
_cell.length_a   150.839
_cell.length_b   39.035
_cell.length_c   76.591
_cell.angle_alpha   90.00
_cell.angle_beta   119.34
_cell.angle_gamma   90.00
#
_symmetry.space_group_name_H-M   'C 1 2 1'
#
loop_
_entity.id
_entity.type
_entity.pdbx_description
1 polymer Beta-hydroxylase
2 non-polymer 3,6,9,12,15-PENTAOXAHEPTADECANE
3 water water
#
_entity_poly.entity_id   1
_entity_poly.type   'polypeptide(L)'
_entity_poly.pdbx_seq_one_letter_code
;MPGRRKACFVTALTSRTELDIDPDKLRESVVELLERHPLVFEGTRQLALQHRPEATDPWYEGCQRQSLISSDSDFTEVHG
ELRDTYLGEVFDRLPFKPIRTRIMALDPKYCYSVHRDLTPRYHLAVTTSEHARFVFIEHDKVLHIPADGDLYYVDTRQLH
SAFNGGDDMAIHIVFGTDGESK
;
_entity_poly.pdbx_strand_id   B,A
#
loop_
_chem_comp.id
_chem_comp.type
_chem_comp.name
_chem_comp.formula
P3G non-polymer 3,6,9,12,15-PENTAOXAHEPTADECANE 'C12 H26 O5'
#
# COMPACT_ATOMS: atom_id res chain seq x y z
N GLY A 3 29.09 -16.26 -13.17
CA GLY A 3 30.20 -16.40 -14.09
C GLY A 3 29.95 -17.35 -15.24
N ARG A 4 29.06 -18.33 -15.03
CA ARG A 4 28.80 -19.30 -16.07
C ARG A 4 27.90 -18.73 -17.16
N ARG A 5 27.00 -17.83 -16.83
CA ARG A 5 26.28 -17.07 -17.85
C ARG A 5 27.02 -15.77 -18.10
N LYS A 6 27.22 -15.44 -19.38
CA LYS A 6 27.90 -14.21 -19.76
C LYS A 6 26.87 -13.19 -20.24
N ALA A 7 27.35 -11.97 -20.44
CA ALA A 7 26.47 -10.92 -20.96
C ALA A 7 25.92 -11.29 -22.33
N CYS A 8 24.65 -10.94 -22.56
CA CYS A 8 24.03 -11.22 -23.85
C CYS A 8 24.57 -10.27 -24.91
N PHE A 9 24.43 -10.68 -26.18
CA PHE A 9 24.72 -9.77 -27.29
C PHE A 9 23.70 -8.63 -27.29
N VAL A 10 24.11 -7.45 -27.76
CA VAL A 10 23.32 -6.23 -27.58
C VAL A 10 21.90 -6.39 -28.16
N THR A 11 21.75 -7.11 -29.27
CA THR A 11 20.41 -7.22 -29.85
C THR A 11 19.48 -8.08 -29.01
N ALA A 12 20.03 -8.90 -28.12
CA ALA A 12 19.19 -9.73 -27.25
C ALA A 12 18.73 -9.02 -25.99
N LEU A 13 19.00 -7.72 -25.85
CA LEU A 13 18.53 -6.97 -24.69
C LEU A 13 17.00 -6.82 -24.72
N THR A 14 16.40 -6.82 -25.90
CA THR A 14 14.99 -6.50 -26.04
C THR A 14 14.44 -7.23 -27.26
N SER A 15 13.12 -7.40 -27.27
CA SER A 15 12.42 -8.01 -28.41
C SER A 15 10.97 -7.57 -28.31
N ARG A 16 10.32 -7.46 -29.46
CA ARG A 16 8.96 -6.95 -29.53
C ARG A 16 8.02 -8.08 -29.92
N THR A 17 6.93 -8.23 -29.16
CA THR A 17 5.87 -9.19 -29.46
C THR A 17 4.58 -8.40 -29.69
N GLU A 18 3.98 -8.54 -30.86
CA GLU A 18 2.85 -7.69 -31.24
C GLU A 18 1.57 -8.15 -30.55
N LEU A 19 0.92 -7.25 -29.80
CA LEU A 19 -0.32 -7.58 -29.11
C LEU A 19 -1.53 -6.76 -29.54
N ASP A 20 -1.32 -5.61 -30.19
CA ASP A 20 -2.42 -4.78 -30.72
C ASP A 20 -3.34 -4.24 -29.63
N ILE A 21 -2.83 -4.09 -28.41
CA ILE A 21 -3.62 -3.50 -27.33
C ILE A 21 -3.84 -2.01 -27.61
N ASP A 22 -5.01 -1.50 -27.19
CA ASP A 22 -5.33 -0.08 -27.38
C ASP A 22 -4.73 0.73 -26.24
N PRO A 23 -3.79 1.64 -26.52
CA PRO A 23 -3.13 2.37 -25.43
C PRO A 23 -4.08 3.22 -24.60
N ASP A 24 -5.08 3.87 -25.21
CA ASP A 24 -6.01 4.69 -24.45
C ASP A 24 -6.84 3.86 -23.48
N LYS A 25 -7.42 2.76 -23.96
CA LYS A 25 -8.20 1.90 -23.08
C LYS A 25 -7.32 1.30 -21.99
N LEU A 26 -6.08 0.96 -22.33
CA LEU A 26 -5.19 0.41 -21.32
C LEU A 26 -4.91 1.42 -20.22
N ARG A 27 -4.58 2.66 -20.62
CA ARG A 27 -4.24 3.70 -19.66
C ARG A 27 -5.44 4.04 -18.77
N GLU A 28 -6.63 4.17 -19.36
CA GLU A 28 -7.79 4.51 -18.54
C GLU A 28 -8.15 3.39 -17.58
N SER A 29 -7.93 2.13 -17.97
CA SER A 29 -8.23 1.05 -17.04
C SER A 29 -7.24 1.02 -15.88
N VAL A 30 -5.97 1.38 -16.14
CA VAL A 30 -5.00 1.39 -15.06
C VAL A 30 -5.27 2.56 -14.12
N VAL A 31 -5.55 3.74 -14.68
CA VAL A 31 -5.84 4.92 -13.86
C VAL A 31 -7.02 4.63 -12.93
N GLU A 32 -8.07 4.00 -13.46
CA GLU A 32 -9.24 3.72 -12.64
C GLU A 32 -8.90 2.70 -11.55
N LEU A 33 -8.11 1.67 -11.90
CA LEU A 33 -7.77 0.65 -10.92
C LEU A 33 -6.97 1.22 -9.76
N LEU A 34 -6.03 2.12 -10.05
CA LEU A 34 -5.20 2.67 -8.99
C LEU A 34 -5.98 3.55 -8.03
N GLU A 35 -7.16 4.03 -8.44
CA GLU A 35 -8.01 4.80 -7.53
C GLU A 35 -8.49 3.92 -6.38
N ARG A 36 -8.77 2.65 -6.67
CA ARG A 36 -9.28 1.69 -5.71
C ARG A 36 -8.18 0.86 -5.06
N HIS A 37 -7.08 0.63 -5.77
CA HIS A 37 -5.95 -0.16 -5.26
C HIS A 37 -4.67 0.61 -5.55
N PRO A 38 -4.21 1.45 -4.63
CA PRO A 38 -3.08 2.32 -4.94
C PRO A 38 -1.76 1.57 -5.03
N LEU A 39 -0.87 2.12 -5.84
CA LEU A 39 0.51 1.64 -5.81
C LEU A 39 1.10 1.78 -4.41
N VAL A 40 1.91 0.80 -4.02
CA VAL A 40 2.67 0.88 -2.79
C VAL A 40 4.13 1.18 -3.11
N PHE A 41 4.84 1.69 -2.09
CA PHE A 41 6.24 2.12 -2.11
C PHE A 41 6.43 3.47 -2.81
N GLU A 42 7.66 3.98 -2.73
CA GLU A 42 8.00 5.27 -3.31
C GLU A 42 9.22 5.08 -4.20
N GLY A 43 9.33 5.93 -5.20
CA GLY A 43 10.41 5.78 -6.17
C GLY A 43 10.05 4.80 -7.27
N THR A 44 10.23 3.51 -6.99
CA THR A 44 9.66 2.44 -7.81
C THR A 44 8.43 1.94 -7.07
N ARG A 45 7.26 2.18 -7.64
CA ARG A 45 5.99 1.83 -7.01
C ARG A 45 5.37 0.62 -7.71
N GLN A 46 4.54 -0.13 -6.98
CA GLN A 46 4.10 -1.44 -7.46
C GLN A 46 2.66 -1.74 -7.04
N LEU A 47 2.00 -2.57 -7.85
CA LEU A 47 0.74 -3.21 -7.50
C LEU A 47 0.70 -4.59 -8.16
N ALA A 48 0.33 -5.61 -7.41
CA ALA A 48 0.30 -6.97 -7.96
C ALA A 48 -1.02 -7.21 -8.68
N LEU A 49 -0.95 -7.78 -9.88
CA LEU A 49 -2.13 -8.19 -10.62
C LEU A 49 -2.36 -9.70 -10.56
N GLN A 50 -1.39 -10.48 -10.11
CA GLN A 50 -1.59 -11.91 -9.89
C GLN A 50 -1.26 -12.25 -8.44
N HIS A 51 -1.95 -13.26 -7.91
CA HIS A 51 -1.75 -13.64 -6.52
C HIS A 51 -1.59 -15.15 -6.41
N ARG A 52 -1.03 -15.56 -5.28
CA ARG A 52 -0.99 -16.97 -4.96
C ARG A 52 -2.39 -17.45 -4.59
N PRO A 53 -2.74 -18.69 -4.92
CA PRO A 53 -4.05 -19.21 -4.50
C PRO A 53 -4.27 -19.01 -3.01
N GLU A 54 -5.50 -18.60 -2.67
CA GLU A 54 -5.96 -18.37 -1.30
C GLU A 54 -5.23 -17.23 -0.59
N ALA A 55 -4.56 -16.34 -1.32
CA ALA A 55 -3.85 -15.23 -0.67
C ALA A 55 -4.82 -14.30 0.04
N THR A 56 -4.45 -13.86 1.24
CA THR A 56 -5.24 -12.84 1.93
C THR A 56 -4.79 -11.43 1.58
N ASP A 57 -3.58 -11.26 1.04
CA ASP A 57 -3.07 -9.96 0.59
C ASP A 57 -2.75 -10.06 -0.91
N PRO A 58 -3.79 -10.23 -1.75
CA PRO A 58 -3.51 -10.48 -3.17
C PRO A 58 -2.93 -9.30 -3.91
N TRP A 59 -3.19 -8.07 -3.47
CA TRP A 59 -2.74 -6.91 -4.23
C TRP A 59 -1.30 -6.51 -3.95
N TYR A 60 -0.74 -6.90 -2.81
CA TYR A 60 0.60 -6.46 -2.47
C TYR A 60 1.59 -7.57 -2.16
N GLU A 61 1.15 -8.81 -1.93
CA GLU A 61 2.10 -9.86 -1.60
C GLU A 61 3.15 -10.02 -2.68
N GLY A 62 2.71 -10.00 -3.94
CA GLY A 62 3.65 -10.17 -5.04
C GLY A 62 4.58 -8.99 -5.26
N CYS A 63 4.39 -7.89 -4.55
CA CYS A 63 5.24 -6.71 -4.69
C CYS A 63 6.43 -6.74 -3.75
N GLN A 64 6.55 -7.76 -2.90
CA GLN A 64 7.68 -7.84 -1.98
C GLN A 64 8.99 -8.01 -2.76
N ARG A 65 10.11 -7.72 -2.09
CA ARG A 65 11.39 -7.84 -2.78
C ARG A 65 11.64 -9.31 -3.14
N GLN A 66 12.46 -9.51 -4.19
CA GLN A 66 12.64 -10.85 -4.75
C GLN A 66 13.01 -11.87 -3.69
N SER A 67 13.87 -11.48 -2.73
CA SER A 67 14.36 -12.42 -1.73
C SER A 67 13.27 -12.85 -0.76
N LEU A 68 12.15 -12.15 -0.68
CA LEU A 68 11.01 -12.57 0.13
C LEU A 68 9.97 -13.34 -0.67
N ILE A 69 10.19 -13.51 -1.97
CA ILE A 69 9.29 -14.26 -2.82
C ILE A 69 9.73 -15.72 -2.82
N SER A 70 8.83 -16.61 -2.39
CA SER A 70 9.10 -18.05 -2.44
C SER A 70 9.50 -18.48 -3.83
N SER A 71 8.63 -18.23 -4.80
CA SER A 71 8.91 -18.46 -6.20
C SER A 71 7.94 -17.61 -7.01
N ASP A 72 8.46 -16.94 -8.05
CA ASP A 72 7.57 -16.23 -8.96
C ASP A 72 6.44 -17.12 -9.45
N SER A 73 6.72 -18.41 -9.65
CA SER A 73 5.77 -19.30 -10.26
C SER A 73 4.56 -19.60 -9.38
N ASP A 74 4.60 -19.20 -8.10
CA ASP A 74 3.45 -19.38 -7.24
C ASP A 74 2.36 -18.35 -7.52
N PHE A 75 2.73 -17.22 -8.15
CA PHE A 75 1.82 -16.09 -8.33
C PHE A 75 1.13 -16.22 -9.69
N THR A 76 0.13 -17.10 -9.73
CA THR A 76 -0.50 -17.52 -10.97
C THR A 76 -1.89 -16.96 -11.20
N GLU A 77 -2.59 -16.51 -10.16
CA GLU A 77 -4.03 -16.23 -10.27
C GLU A 77 -4.25 -14.76 -10.57
N VAL A 78 -4.77 -14.46 -11.76
CA VAL A 78 -5.23 -13.11 -12.04
C VAL A 78 -6.41 -12.78 -11.13
N HIS A 79 -6.40 -11.58 -10.54
CA HIS A 79 -7.52 -11.16 -9.69
C HIS A 79 -8.84 -11.30 -10.41
N GLY A 80 -9.81 -11.90 -9.74
CA GLY A 80 -11.09 -12.14 -10.38
C GLY A 80 -11.74 -10.88 -10.92
N GLU A 81 -11.63 -9.77 -10.19
CA GLU A 81 -12.31 -8.55 -10.62
C GLU A 81 -11.74 -7.97 -11.91
N LEU A 82 -10.55 -8.41 -12.34
CA LEU A 82 -9.98 -7.90 -13.57
C LEU A 82 -10.62 -8.51 -14.81
N ARG A 83 -11.35 -9.62 -14.65
CA ARG A 83 -11.92 -10.31 -15.80
C ARG A 83 -12.85 -9.41 -16.60
N ASP A 84 -13.61 -8.56 -15.92
CA ASP A 84 -14.61 -7.73 -16.59
C ASP A 84 -14.02 -6.51 -17.27
N THR A 85 -12.83 -6.06 -16.85
CA THR A 85 -12.27 -4.82 -17.33
C THR A 85 -11.30 -5.06 -18.48
N TYR A 86 -10.77 -3.97 -19.01
CA TYR A 86 -9.87 -4.10 -20.15
C TYR A 86 -8.58 -4.80 -19.77
N LEU A 87 -8.22 -4.81 -18.48
CA LEU A 87 -7.02 -5.55 -18.09
C LEU A 87 -7.22 -7.05 -18.28
N GLY A 88 -8.46 -7.53 -18.09
CA GLY A 88 -8.75 -8.92 -18.41
C GLY A 88 -8.50 -9.24 -19.88
N GLU A 89 -8.82 -8.28 -20.76
CA GLU A 89 -8.57 -8.46 -22.18
C GLU A 89 -7.08 -8.56 -22.46
N VAL A 90 -6.27 -7.76 -21.75
CA VAL A 90 -4.82 -7.82 -21.92
C VAL A 90 -4.32 -9.22 -21.60
N PHE A 91 -4.73 -9.76 -20.45
CA PHE A 91 -4.27 -11.09 -20.07
C PHE A 91 -4.75 -12.13 -21.08
N ASP A 92 -5.95 -11.94 -21.63
CA ASP A 92 -6.47 -12.89 -22.62
C ASP A 92 -5.61 -12.94 -23.87
N ARG A 93 -4.94 -11.84 -24.21
CA ARG A 93 -4.18 -11.80 -25.45
C ARG A 93 -2.77 -12.32 -25.32
N LEU A 94 -2.30 -12.55 -24.10
CA LEU A 94 -0.91 -12.95 -23.92
C LEU A 94 -0.67 -14.30 -24.59
N PRO A 95 0.46 -14.46 -25.29
CA PRO A 95 0.79 -15.75 -25.91
C PRO A 95 1.47 -16.72 -24.96
N PHE A 96 1.56 -16.36 -23.68
CA PHE A 96 2.15 -17.23 -22.67
C PHE A 96 1.34 -17.11 -21.39
N LYS A 97 1.56 -18.05 -20.47
CA LYS A 97 1.00 -17.98 -19.13
C LYS A 97 1.89 -17.08 -18.28
N PRO A 98 1.40 -15.94 -17.82
CA PRO A 98 2.25 -15.04 -17.04
C PRO A 98 2.25 -15.45 -15.58
N ILE A 99 3.31 -15.04 -14.88
CA ILE A 99 3.45 -15.22 -13.44
C ILE A 99 3.90 -13.90 -12.83
N ARG A 100 3.41 -13.64 -11.61
CA ARG A 100 3.84 -12.51 -10.79
C ARG A 100 3.74 -11.19 -11.54
N THR A 101 2.65 -11.02 -12.29
CA THR A 101 2.45 -9.78 -13.03
C THR A 101 2.17 -8.64 -12.04
N ARG A 102 2.77 -7.49 -12.31
CA ARG A 102 2.66 -6.31 -11.48
C ARG A 102 2.52 -5.10 -12.36
N ILE A 103 1.77 -4.10 -11.90
CA ILE A 103 1.97 -2.75 -12.39
C ILE A 103 3.19 -2.17 -11.67
N MET A 104 4.12 -1.59 -12.43
CA MET A 104 5.32 -1.04 -11.83
C MET A 104 5.50 0.37 -12.37
N ALA A 105 5.98 1.29 -11.52
CA ALA A 105 6.03 2.68 -11.94
C ALA A 105 7.30 3.35 -11.43
N LEU A 106 7.81 4.32 -12.20
CA LEU A 106 8.92 5.17 -11.78
C LEU A 106 8.44 6.59 -11.56
N ASP A 107 8.74 7.13 -10.37
CA ASP A 107 8.32 8.49 -10.03
C ASP A 107 8.94 9.50 -10.99
N PRO A 108 8.33 10.69 -11.09
CA PRO A 108 8.95 11.77 -11.87
C PRO A 108 10.30 12.16 -11.30
N LYS A 109 11.28 12.37 -12.20
CA LYS A 109 12.64 12.78 -11.85
C LYS A 109 13.34 11.75 -10.99
N TYR A 110 12.98 10.47 -11.11
CA TYR A 110 13.52 9.42 -10.27
C TYR A 110 14.31 8.42 -11.10
N CYS A 111 15.39 7.90 -10.52
CA CYS A 111 16.11 6.78 -11.12
C CYS A 111 16.54 5.86 -10.01
N TYR A 112 16.86 4.62 -10.37
CA TYR A 112 17.29 3.67 -9.38
C TYR A 112 18.74 3.24 -9.63
N SER A 113 19.26 2.45 -8.70
CA SER A 113 20.67 2.10 -8.72
C SER A 113 21.04 1.26 -9.94
N VAL A 114 22.28 1.41 -10.38
CA VAL A 114 22.83 0.51 -11.39
C VAL A 114 22.95 -0.87 -10.75
N HIS A 115 22.27 -1.85 -11.32
CA HIS A 115 22.25 -3.16 -10.71
C HIS A 115 21.82 -4.20 -11.73
N ARG A 116 21.76 -5.46 -11.27
CA ARG A 116 21.28 -6.59 -12.06
C ARG A 116 20.08 -7.23 -11.36
N ASP A 117 19.05 -7.52 -12.14
CA ASP A 117 17.93 -8.30 -11.67
C ASP A 117 18.21 -9.79 -11.87
N LEU A 118 17.38 -10.62 -11.26
CA LEU A 118 17.58 -12.06 -11.37
C LEU A 118 16.92 -12.67 -12.61
N THR A 119 15.89 -12.03 -13.16
CA THR A 119 15.01 -12.64 -14.14
C THR A 119 14.52 -11.55 -15.08
N PRO A 120 14.59 -11.73 -16.40
CA PRO A 120 14.00 -10.74 -17.31
C PRO A 120 12.49 -10.83 -17.32
N ARG A 121 11.86 -9.72 -17.69
CA ARG A 121 10.41 -9.62 -17.69
C ARG A 121 9.96 -9.06 -19.02
N TYR A 122 8.65 -9.18 -19.28
CA TYR A 122 8.02 -8.57 -20.43
C TYR A 122 7.28 -7.32 -19.99
N HIS A 123 7.38 -6.26 -20.79
CA HIS A 123 6.85 -4.95 -20.42
C HIS A 123 5.80 -4.49 -21.42
N LEU A 124 4.68 -4.02 -20.90
CA LEU A 124 3.67 -3.33 -21.68
C LEU A 124 3.60 -1.92 -21.10
N ALA A 125 4.07 -0.92 -21.86
CA ALA A 125 4.09 0.44 -21.31
C ALA A 125 2.66 1.00 -21.29
N VAL A 126 2.30 1.63 -20.17
CA VAL A 126 0.97 2.20 -19.98
C VAL A 126 1.03 3.71 -20.18
N THR A 127 1.90 4.37 -19.44
CA THR A 127 2.09 5.81 -19.56
C THR A 127 3.57 6.06 -19.57
N THR A 128 4.07 6.76 -20.58
CA THR A 128 5.51 7.01 -20.64
C THR A 128 5.76 8.30 -21.41
N SER A 129 7.05 8.63 -21.56
CA SER A 129 7.48 9.79 -22.32
C SER A 129 8.89 9.56 -22.85
N GLU A 130 9.37 10.49 -23.66
CA GLU A 130 10.74 10.41 -24.16
C GLU A 130 11.76 10.50 -23.03
N HIS A 131 11.35 10.89 -21.82
CA HIS A 131 12.28 11.06 -20.71
C HIS A 131 12.47 9.79 -19.91
N ALA A 132 11.80 8.70 -20.26
CA ALA A 132 11.86 7.45 -19.50
C ALA A 132 12.64 6.43 -20.30
N ARG A 133 13.76 5.96 -19.75
CA ARG A 133 14.63 5.07 -20.51
C ARG A 133 15.28 4.04 -19.61
N PHE A 134 15.59 2.88 -20.19
CA PHE A 134 16.51 1.92 -19.61
C PHE A 134 17.92 2.22 -20.11
N VAL A 135 18.91 2.10 -19.22
CA VAL A 135 20.29 2.41 -19.55
C VAL A 135 21.13 1.17 -19.23
N PHE A 136 21.70 0.54 -20.26
CA PHE A 136 22.49 -0.67 -20.09
C PHE A 136 23.97 -0.30 -20.10
N ILE A 137 24.64 -0.51 -18.97
CA ILE A 137 25.96 0.08 -18.71
C ILE A 137 27.06 -0.67 -19.44
N GLU A 138 27.07 -2.00 -19.33
CA GLU A 138 28.07 -2.78 -20.03
C GLU A 138 27.87 -2.74 -21.53
N HIS A 139 26.61 -2.70 -21.98
CA HIS A 139 26.31 -2.73 -23.40
C HIS A 139 26.34 -1.36 -24.04
N ASP A 140 26.34 -0.31 -23.21
CA ASP A 140 26.39 1.06 -23.68
C ASP A 140 25.21 1.31 -24.61
N LYS A 141 23.99 0.95 -24.14
CA LYS A 141 22.81 0.96 -25.00
C LYS A 141 21.70 1.61 -24.19
N VAL A 142 20.96 2.53 -24.81
CA VAL A 142 19.81 3.19 -24.17
C VAL A 142 18.55 2.70 -24.86
N LEU A 143 17.51 2.39 -24.08
CA LEU A 143 16.30 1.80 -24.62
C LEU A 143 15.05 2.55 -24.14
N HIS A 144 14.14 2.84 -25.06
CA HIS A 144 12.84 3.40 -24.71
C HIS A 144 11.75 2.41 -25.10
N ILE A 145 10.83 2.14 -24.17
CA ILE A 145 9.70 1.25 -24.41
C ILE A 145 8.45 2.12 -24.63
N PRO A 146 7.95 2.22 -25.86
CA PRO A 146 6.78 3.08 -26.10
C PRO A 146 5.47 2.43 -25.66
N ALA A 147 4.49 3.29 -25.37
CA ALA A 147 3.15 2.84 -25.03
C ALA A 147 2.35 2.67 -26.33
N ASP A 148 2.73 1.62 -27.07
CA ASP A 148 2.19 1.35 -28.39
C ASP A 148 1.28 0.12 -28.43
N GLY A 149 0.99 -0.48 -27.27
CA GLY A 149 0.15 -1.65 -27.22
C GLY A 149 0.85 -2.95 -27.51
N ASP A 150 2.17 -2.95 -27.69
CA ASP A 150 2.92 -4.17 -27.91
C ASP A 150 3.74 -4.50 -26.66
N LEU A 151 4.18 -5.76 -26.61
CA LEU A 151 4.89 -6.31 -25.45
C LEU A 151 6.38 -6.33 -25.75
N TYR A 152 7.20 -5.89 -24.78
CA TYR A 152 8.66 -5.83 -24.96
C TYR A 152 9.36 -6.64 -23.89
N TYR A 153 10.05 -7.70 -24.31
CA TYR A 153 11.06 -8.31 -23.46
C TYR A 153 12.17 -7.31 -23.18
N VAL A 154 12.59 -7.23 -21.92
CA VAL A 154 13.70 -6.36 -21.52
C VAL A 154 14.58 -7.13 -20.57
N ASP A 155 15.85 -7.36 -20.95
CA ASP A 155 16.70 -8.22 -20.14
C ASP A 155 17.37 -7.39 -19.03
N THR A 156 16.63 -7.20 -17.93
CA THR A 156 17.17 -6.46 -16.80
C THR A 156 18.09 -7.30 -15.91
N ARG A 157 18.41 -8.55 -16.31
CA ARG A 157 19.58 -9.20 -15.71
C ARG A 157 20.87 -8.48 -16.06
N GLN A 158 20.90 -7.80 -17.21
CA GLN A 158 22.11 -7.09 -17.60
C GLN A 158 22.27 -5.82 -16.76
N LEU A 159 23.53 -5.44 -16.50
CA LEU A 159 23.81 -4.30 -15.65
C LEU A 159 23.13 -3.05 -16.19
N HIS A 160 22.28 -2.43 -15.37
CA HIS A 160 21.45 -1.36 -15.91
C HIS A 160 20.91 -0.46 -14.81
N SER A 161 20.47 0.73 -15.23
CA SER A 161 19.57 1.54 -14.44
C SER A 161 18.37 1.89 -15.32
N ALA A 162 17.37 2.48 -14.69
CA ALA A 162 16.24 3.07 -15.40
C ALA A 162 15.98 4.44 -14.80
N PHE A 163 15.58 5.38 -15.64
CA PHE A 163 15.33 6.73 -15.15
C PHE A 163 14.08 7.28 -15.81
N ASN A 164 13.43 8.20 -15.10
CA ASN A 164 12.26 8.93 -15.62
C ASN A 164 12.52 10.40 -15.39
N GLY A 165 13.02 11.10 -16.42
CA GLY A 165 13.28 12.53 -16.28
C GLY A 165 12.09 13.41 -16.54
N GLY A 166 10.90 12.83 -16.68
CA GLY A 166 9.71 13.61 -16.95
C GLY A 166 9.01 14.11 -15.70
N ASP A 167 7.98 14.93 -15.92
CA ASP A 167 7.19 15.49 -14.83
C ASP A 167 6.12 14.54 -14.32
N ASP A 168 5.77 13.52 -15.10
CA ASP A 168 4.69 12.59 -14.80
C ASP A 168 5.28 11.21 -14.54
N MET A 169 4.55 10.40 -13.77
CA MET A 169 5.09 9.08 -13.45
C MET A 169 4.99 8.20 -14.69
N ALA A 170 6.00 7.32 -14.87
CA ALA A 170 6.03 6.36 -15.96
C ALA A 170 5.55 5.02 -15.42
N ILE A 171 4.66 4.36 -16.16
CA ILE A 171 3.95 3.17 -15.65
C ILE A 171 4.01 2.07 -16.69
N HIS A 172 4.38 0.86 -16.26
CA HIS A 172 4.33 -0.34 -17.11
C HIS A 172 3.51 -1.42 -16.43
N ILE A 173 2.96 -2.34 -17.22
CA ILE A 173 2.61 -3.66 -16.70
C ILE A 173 3.78 -4.59 -16.99
N VAL A 174 4.20 -5.33 -15.97
CA VAL A 174 5.43 -6.11 -16.03
C VAL A 174 5.07 -7.56 -15.76
N PHE A 175 5.26 -8.42 -16.76
CA PHE A 175 4.87 -9.83 -16.70
C PHE A 175 6.09 -10.72 -16.55
N GLY A 176 6.02 -11.69 -15.64
CA GLY A 176 6.98 -12.79 -15.64
C GLY A 176 6.48 -13.96 -16.45
N THR A 177 7.39 -14.87 -16.80
CA THR A 177 6.97 -16.09 -17.46
C THR A 177 7.81 -17.25 -16.95
N ASP A 178 7.27 -18.46 -17.05
CA ASP A 178 8.07 -19.64 -16.78
C ASP A 178 7.87 -20.71 -17.85
N GLY B 3 -25.58 23.44 13.65
CA GLY B 3 -26.03 22.06 13.66
C GLY B 3 -26.74 21.65 14.93
N ARG B 4 -27.42 20.50 14.89
CA ARG B 4 -28.19 20.05 16.04
C ARG B 4 -27.27 19.54 17.15
N ARG B 5 -26.13 18.95 16.78
CA ARG B 5 -25.11 18.60 17.76
C ARG B 5 -24.13 19.75 17.90
N LYS B 6 -23.82 20.11 19.13
CA LYS B 6 -22.93 21.22 19.42
C LYS B 6 -21.58 20.67 19.86
N ALA B 7 -20.59 21.55 19.96
CA ALA B 7 -19.28 21.12 20.42
C ALA B 7 -19.37 20.57 21.84
N CYS B 8 -18.55 19.55 22.13
CA CYS B 8 -18.54 18.95 23.45
C CYS B 8 -17.80 19.86 24.44
N PHE B 9 -18.08 19.66 25.73
CA PHE B 9 -17.27 20.32 26.76
C PHE B 9 -15.84 19.75 26.72
N VAL B 10 -14.87 20.58 27.11
CA VAL B 10 -13.46 20.23 26.88
C VAL B 10 -13.07 18.92 27.56
N THR B 11 -13.64 18.59 28.72
CA THR B 11 -13.24 17.33 29.36
C THR B 11 -13.79 16.11 28.63
N ALA B 12 -14.76 16.28 27.74
CA ALA B 12 -15.30 15.15 26.98
C ALA B 12 -14.52 14.90 25.70
N LEU B 13 -13.40 15.61 25.48
CA LEU B 13 -12.59 15.36 24.30
C LEU B 13 -11.90 14.00 24.37
N THR B 14 -11.64 13.50 25.57
CA THR B 14 -10.84 12.29 25.71
C THR B 14 -11.22 11.60 27.00
N SER B 15 -10.95 10.29 27.06
CA SER B 15 -11.17 9.52 28.27
C SER B 15 -10.25 8.31 28.22
N ARG B 16 -9.85 7.86 29.40
CA ARG B 16 -8.96 6.71 29.56
C ARG B 16 -9.73 5.47 29.99
N THR B 17 -9.51 4.35 29.29
CA THR B 17 -9.99 3.04 29.71
C THR B 17 -8.79 2.14 29.95
N GLU B 18 -8.66 1.60 31.16
CA GLU B 18 -7.46 0.85 31.52
C GLU B 18 -7.48 -0.55 30.89
N LEU B 19 -6.41 -0.88 30.15
CA LEU B 19 -6.33 -2.16 29.47
C LEU B 19 -5.10 -2.99 29.87
N ASP B 20 -4.07 -2.37 30.46
CA ASP B 20 -2.90 -3.08 30.99
C ASP B 20 -2.11 -3.82 29.91
N ILE B 21 -2.18 -3.35 28.66
CA ILE B 21 -1.40 -3.97 27.59
C ILE B 21 0.08 -3.67 27.79
N ASP B 22 0.93 -4.59 27.37
CA ASP B 22 2.37 -4.38 27.50
C ASP B 22 2.87 -3.58 26.30
N PRO B 23 3.40 -2.38 26.49
CA PRO B 23 3.83 -1.58 25.33
C PRO B 23 4.91 -2.22 24.48
N ASP B 24 5.90 -2.91 25.09
CA ASP B 24 6.96 -3.53 24.31
C ASP B 24 6.44 -4.66 23.42
N LYS B 25 5.65 -5.58 23.99
CA LYS B 25 5.07 -6.65 23.18
C LYS B 25 4.13 -6.09 22.13
N LEU B 26 3.38 -5.05 22.47
CA LEU B 26 2.50 -4.43 21.49
C LEU B 26 3.32 -3.89 20.33
N ARG B 27 4.40 -3.15 20.64
CA ARG B 27 5.16 -2.48 19.60
C ARG B 27 5.89 -3.51 18.73
N GLU B 28 6.47 -4.53 19.34
CA GLU B 28 7.18 -5.52 18.55
C GLU B 28 6.24 -6.33 17.68
N SER B 29 5.01 -6.58 18.15
CA SER B 29 4.06 -7.30 17.32
C SER B 29 3.60 -6.46 16.13
N VAL B 30 3.45 -5.14 16.32
CA VAL B 30 3.03 -4.31 15.21
C VAL B 30 4.16 -4.17 14.19
N VAL B 31 5.39 -3.96 14.67
CA VAL B 31 6.52 -3.78 13.76
C VAL B 31 6.67 -5.01 12.87
N GLU B 32 6.57 -6.20 13.46
CA GLU B 32 6.73 -7.42 12.69
C GLU B 32 5.60 -7.60 11.68
N LEU B 33 4.36 -7.25 12.07
CA LEU B 33 3.23 -7.36 11.16
C LEU B 33 3.40 -6.46 9.94
N LEU B 34 3.88 -5.23 10.15
CA LEU B 34 4.04 -4.30 9.03
C LEU B 34 5.16 -4.73 8.08
N GLU B 35 6.05 -5.61 8.52
CA GLU B 35 7.02 -6.20 7.61
C GLU B 35 6.34 -7.12 6.61
N ARG B 36 5.26 -7.80 7.02
CA ARG B 36 4.57 -8.74 6.14
C ARG B 36 3.38 -8.12 5.42
N HIS B 37 2.79 -7.05 5.96
CA HIS B 37 1.66 -6.40 5.30
C HIS B 37 1.88 -4.89 5.34
N PRO B 38 2.09 -4.23 4.20
CA PRO B 38 2.53 -2.82 4.22
C PRO B 38 1.41 -1.85 4.53
N LEU B 39 1.77 -0.76 5.20
CA LEU B 39 0.87 0.38 5.31
C LEU B 39 0.63 0.97 3.93
N VAL B 40 -0.61 1.30 3.61
CA VAL B 40 -0.90 1.99 2.36
C VAL B 40 -1.11 3.47 2.64
N PHE B 41 -0.99 4.28 1.58
CA PHE B 41 -1.19 5.74 1.60
C PHE B 41 0.07 6.45 2.08
N GLU B 42 0.10 7.77 1.97
CA GLU B 42 1.20 8.59 2.47
C GLU B 42 0.64 9.65 3.42
N GLY B 43 1.48 10.09 4.35
CA GLY B 43 1.08 11.08 5.33
C GLY B 43 0.40 10.42 6.51
N THR B 44 -0.87 10.07 6.31
CA THR B 44 -1.63 9.22 7.22
C THR B 44 -1.66 7.84 6.58
N ARG B 45 -0.94 6.89 7.14
CA ARG B 45 -0.85 5.56 6.56
C ARG B 45 -1.68 4.57 7.37
N GLN B 46 -2.13 3.50 6.70
CA GLN B 46 -3.17 2.66 7.30
C GLN B 46 -2.99 1.20 6.94
N LEU B 47 -3.47 0.34 7.83
CA LEU B 47 -3.62 -1.09 7.59
C LEU B 47 -4.84 -1.56 8.36
N ALA B 48 -5.72 -2.34 7.73
CA ALA B 48 -6.95 -2.76 8.38
C ALA B 48 -6.70 -4.04 9.16
N LEU B 49 -7.17 -4.09 10.42
CA LEU B 49 -7.07 -5.30 11.22
C LEU B 49 -8.39 -6.07 11.29
N GLN B 50 -9.49 -5.47 10.83
CA GLN B 50 -10.77 -6.17 10.75
C GLN B 50 -11.32 -6.07 9.33
N HIS B 51 -12.01 -7.11 8.90
CA HIS B 51 -12.58 -7.14 7.55
C HIS B 51 -14.07 -7.52 7.58
N ARG B 52 -14.72 -7.21 6.46
CA ARG B 52 -16.07 -7.70 6.20
C ARG B 52 -16.02 -9.20 5.94
N PRO B 53 -17.09 -9.92 6.28
CA PRO B 53 -17.14 -11.35 5.95
C PRO B 53 -16.97 -11.56 4.45
N GLU B 54 -16.12 -12.51 4.09
CA GLU B 54 -15.89 -12.91 2.70
C GLU B 54 -15.27 -11.80 1.86
N ALA B 55 -14.53 -10.89 2.51
CA ALA B 55 -13.80 -9.87 1.79
C ALA B 55 -12.67 -10.48 0.99
N THR B 56 -12.49 -9.98 -0.23
CA THR B 56 -11.35 -10.38 -1.06
C THR B 56 -10.10 -9.55 -0.77
N ASP B 57 -10.25 -8.36 -0.19
CA ASP B 57 -9.11 -7.49 0.15
C ASP B 57 -9.19 -7.12 1.63
N PRO B 58 -9.06 -8.11 2.53
CA PRO B 58 -9.36 -7.86 3.95
C PRO B 58 -8.37 -6.93 4.64
N TRP B 59 -7.12 -6.86 4.20
CA TRP B 59 -6.16 -6.01 4.89
C TRP B 59 -6.28 -4.54 4.52
N TYR B 60 -7.07 -4.19 3.49
CA TYR B 60 -7.08 -2.81 2.98
C TYR B 60 -8.45 -2.25 2.68
N GLU B 61 -9.51 -3.06 2.56
CA GLU B 61 -10.84 -2.51 2.27
C GLU B 61 -11.24 -1.50 3.35
N GLY B 62 -10.98 -1.83 4.61
CA GLY B 62 -11.33 -0.95 5.71
C GLY B 62 -10.56 0.36 5.74
N CYS B 63 -9.51 0.49 4.94
CA CYS B 63 -8.71 1.71 4.91
C CYS B 63 -9.22 2.75 3.92
N GLN B 64 -10.24 2.44 3.12
CA GLN B 64 -10.74 3.42 2.18
C GLN B 64 -11.36 4.60 2.94
N ARG B 65 -11.47 5.74 2.25
CA ARG B 65 -12.05 6.92 2.88
C ARG B 65 -13.50 6.67 3.26
N GLN B 66 -13.98 7.42 4.26
CA GLN B 66 -15.27 7.13 4.89
C GLN B 66 -16.41 7.12 3.87
N SER B 67 -16.35 8.00 2.87
CA SER B 67 -17.44 8.08 1.91
C SER B 67 -17.56 6.82 1.06
N LEU B 68 -16.52 5.99 0.96
CA LEU B 68 -16.60 4.72 0.27
C LEU B 68 -16.96 3.55 1.18
N ILE B 69 -17.10 3.79 2.48
CA ILE B 69 -17.44 2.75 3.43
C ILE B 69 -18.95 2.70 3.57
N SER B 70 -19.54 1.54 3.24
CA SER B 70 -20.97 1.35 3.41
C SER B 70 -21.39 1.58 4.84
N SER B 71 -20.79 0.84 5.76
CA SER B 71 -21.03 1.00 7.19
C SER B 71 -19.79 0.50 7.92
N ASP B 72 -19.29 1.31 8.86
CA ASP B 72 -18.22 0.83 9.74
C ASP B 72 -18.62 -0.50 10.36
N SER B 73 -19.89 -0.68 10.70
CA SER B 73 -20.35 -1.86 11.42
C SER B 73 -20.21 -3.14 10.63
N ASP B 74 -19.97 -3.08 9.30
CA ASP B 74 -19.76 -4.30 8.53
C ASP B 74 -18.39 -4.91 8.79
N PHE B 75 -17.43 -4.11 9.27
CA PHE B 75 -16.04 -4.56 9.37
C PHE B 75 -15.81 -5.18 10.75
N THR B 76 -16.29 -6.42 10.89
CA THR B 76 -16.37 -7.07 12.19
C THR B 76 -15.31 -8.12 12.44
N GLU B 77 -14.70 -8.69 11.42
CA GLU B 77 -13.92 -9.92 11.60
C GLU B 77 -12.44 -9.60 11.76
N VAL B 78 -11.89 -9.90 12.93
CA VAL B 78 -10.46 -9.86 13.11
C VAL B 78 -9.79 -10.92 12.23
N HIS B 79 -8.69 -10.53 11.57
CA HIS B 79 -7.97 -11.47 10.70
C HIS B 79 -7.58 -12.73 11.45
N GLY B 80 -7.84 -13.87 10.82
CA GLY B 80 -7.52 -15.15 11.41
C GLY B 80 -6.07 -15.24 11.88
N GLU B 81 -5.14 -14.71 11.08
CA GLU B 81 -3.74 -14.92 11.46
C GLU B 81 -3.35 -14.14 12.71
N LEU B 82 -4.22 -13.25 13.20
CA LEU B 82 -3.91 -12.43 14.36
C LEU B 82 -4.21 -13.12 15.69
N ARG B 83 -4.99 -14.20 15.67
CA ARG B 83 -5.56 -14.71 16.92
C ARG B 83 -4.49 -15.28 17.86
N ASP B 84 -3.40 -15.78 17.31
CA ASP B 84 -2.37 -16.40 18.14
C ASP B 84 -1.14 -15.51 18.32
N THR B 85 -1.19 -14.25 17.87
CA THR B 85 -0.16 -13.28 18.17
C THR B 85 -0.64 -12.35 19.28
N TYR B 86 0.24 -11.43 19.68
CA TYR B 86 -0.12 -10.53 20.77
C TYR B 86 -1.26 -9.61 20.38
N LEU B 87 -1.43 -9.32 19.10
CA LEU B 87 -2.56 -8.50 18.68
C LEU B 87 -3.89 -9.20 18.97
N GLY B 88 -3.92 -10.52 18.88
CA GLY B 88 -5.12 -11.24 19.29
C GLY B 88 -5.42 -11.05 20.77
N GLU B 89 -4.37 -11.03 21.60
CA GLU B 89 -4.55 -10.74 23.02
C GLU B 89 -5.15 -9.35 23.23
N VAL B 90 -4.70 -8.35 22.44
CA VAL B 90 -5.26 -7.01 22.56
C VAL B 90 -6.76 -7.04 22.32
N PHE B 91 -7.18 -7.68 21.23
CA PHE B 91 -8.60 -7.74 20.92
C PHE B 91 -9.37 -8.48 22.00
N ASP B 92 -8.76 -9.52 22.58
CA ASP B 92 -9.46 -10.30 23.59
C ASP B 92 -9.76 -9.48 24.84
N ARG B 93 -8.95 -8.45 25.10
CA ARG B 93 -9.14 -7.63 26.31
C ARG B 93 -10.13 -6.50 26.15
N LEU B 94 -10.55 -6.18 24.93
CA LEU B 94 -11.39 -5.02 24.73
C LEU B 94 -12.71 -5.19 25.48
N PRO B 95 -13.19 -4.15 26.17
CA PRO B 95 -14.47 -4.24 26.87
C PRO B 95 -15.67 -4.02 25.96
N PHE B 96 -15.45 -3.81 24.66
CA PHE B 96 -16.51 -3.61 23.69
C PHE B 96 -16.16 -4.44 22.46
N LYS B 97 -17.16 -4.57 21.58
CA LYS B 97 -16.97 -5.26 20.31
C LYS B 97 -16.44 -4.22 19.32
N PRO B 98 -15.20 -4.33 18.84
CA PRO B 98 -14.68 -3.30 17.94
C PRO B 98 -15.16 -3.50 16.51
N ILE B 99 -15.16 -2.40 15.76
CA ILE B 99 -15.46 -2.44 14.33
C ILE B 99 -14.45 -1.59 13.59
N ARG B 100 -14.16 -2.02 12.35
CA ARG B 100 -13.28 -1.28 11.44
C ARG B 100 -11.96 -0.87 12.11
N THR B 101 -11.37 -1.78 12.88
CA THR B 101 -10.11 -1.47 13.53
C THR B 101 -8.99 -1.37 12.51
N ARG B 102 -8.14 -0.36 12.67
CA ARG B 102 -7.03 -0.13 11.76
C ARG B 102 -5.78 0.24 12.54
N ILE B 103 -4.61 -0.11 12.00
CA ILE B 103 -3.38 0.55 12.40
C ILE B 103 -3.29 1.85 11.60
N MET B 104 -3.06 2.96 12.29
CA MET B 104 -2.98 4.24 11.60
C MET B 104 -1.72 4.95 12.06
N ALA B 105 -1.08 5.67 11.15
CA ALA B 105 0.23 6.22 11.44
C ALA B 105 0.38 7.59 10.80
N LEU B 106 1.16 8.45 11.46
CA LEU B 106 1.51 9.78 10.96
C LEU B 106 3.00 9.80 10.66
N ASP B 107 3.34 10.16 9.42
CA ASP B 107 4.73 10.23 8.97
C ASP B 107 5.50 11.24 9.83
N PRO B 108 6.83 11.10 9.91
CA PRO B 108 7.63 12.12 10.60
C PRO B 108 7.51 13.48 9.94
N LYS B 109 7.41 14.51 10.79
CA LYS B 109 7.31 15.91 10.35
C LYS B 109 6.05 16.17 9.53
N TYR B 110 5.01 15.37 9.73
CA TYR B 110 3.78 15.48 8.95
C TYR B 110 2.61 15.92 9.83
N CYS B 111 1.70 16.70 9.25
CA CYS B 111 0.44 17.02 9.90
C CYS B 111 -0.65 17.04 8.85
N TYR B 112 -1.90 16.90 9.28
N TYR B 112 -1.89 16.84 9.25
CA TYR B 112 -2.98 16.92 8.32
CA TYR B 112 -3.00 16.91 8.29
C TYR B 112 -3.86 18.16 8.53
C TYR B 112 -3.89 18.11 8.56
N SER B 113 -4.84 18.31 7.65
CA SER B 113 -5.64 19.53 7.62
C SER B 113 -6.50 19.65 8.87
N VAL B 114 -6.80 20.89 9.25
CA VAL B 114 -7.77 21.14 10.31
C VAL B 114 -9.15 20.74 9.80
N HIS B 115 -9.79 19.79 10.47
CA HIS B 115 -11.05 19.27 9.95
C HIS B 115 -11.80 18.54 11.05
N ARG B 116 -12.98 18.04 10.68
CA ARG B 116 -13.82 17.23 11.56
C ARG B 116 -14.02 15.85 10.95
N ASP B 117 -13.89 14.83 11.79
CA ASP B 117 -14.23 13.46 11.40
C ASP B 117 -15.71 13.21 11.69
N LEU B 118 -16.24 12.11 11.16
CA LEU B 118 -17.65 11.79 11.38
C LEU B 118 -17.92 11.04 12.67
N THR B 119 -16.93 10.30 13.19
CA THR B 119 -17.12 9.38 14.30
C THR B 119 -15.88 9.35 15.19
N PRO B 120 -16.02 9.45 16.50
CA PRO B 120 -14.84 9.31 17.37
C PRO B 120 -14.41 7.86 17.46
N ARG B 121 -13.12 7.66 17.75
CA ARG B 121 -12.53 6.33 17.84
C ARG B 121 -11.79 6.19 19.16
N TYR B 122 -11.43 4.94 19.48
CA TYR B 122 -10.59 4.63 20.61
C TYR B 122 -9.17 4.35 20.14
N HIS B 123 -8.17 4.90 20.84
CA HIS B 123 -6.77 4.85 20.41
C HIS B 123 -5.92 4.09 21.40
N LEU B 124 -5.09 3.18 20.89
CA LEU B 124 -4.05 2.49 21.65
C LEU B 124 -2.73 2.88 21.00
N ALA B 125 -1.96 3.73 21.65
CA ALA B 125 -0.71 4.19 21.03
C ALA B 125 0.32 3.06 21.02
N VAL B 126 0.96 2.85 19.88
CA VAL B 126 1.96 1.79 19.68
C VAL B 126 3.35 2.40 19.80
N THR B 127 3.63 3.41 18.97
CA THR B 127 4.90 4.10 18.99
C THR B 127 4.61 5.58 18.89
N THR B 128 5.17 6.36 19.82
CA THR B 128 4.89 7.80 19.81
C THR B 128 6.05 8.54 20.48
N SER B 129 5.91 9.85 20.55
CA SER B 129 6.89 10.71 21.21
C SER B 129 6.18 11.97 21.69
N GLU B 130 6.92 12.81 22.41
CA GLU B 130 6.38 14.09 22.85
C GLU B 130 6.06 15.02 21.68
N HIS B 131 6.52 14.70 20.47
CA HIS B 131 6.28 15.54 19.31
C HIS B 131 4.99 15.23 18.57
N ALA B 132 4.23 14.24 19.03
CA ALA B 132 3.00 13.81 18.36
C ALA B 132 1.82 14.22 19.22
N ARG B 133 0.94 15.07 18.69
CA ARG B 133 -0.15 15.64 19.47
C ARG B 133 -1.39 15.82 18.61
N PHE B 134 -2.56 15.75 19.26
CA PHE B 134 -3.81 16.23 18.69
C PHE B 134 -4.01 17.68 19.12
N VAL B 135 -4.53 18.49 18.20
CA VAL B 135 -4.71 19.93 18.44
C VAL B 135 -6.17 20.27 18.19
N PHE B 136 -6.90 20.66 19.24
CA PHE B 136 -8.32 20.97 19.10
C PHE B 136 -8.48 22.49 19.03
N ILE B 137 -8.95 22.95 17.88
CA ILE B 137 -8.89 24.37 17.51
C ILE B 137 -9.96 25.17 18.24
N GLU B 138 -11.20 24.69 18.20
CA GLU B 138 -12.29 25.38 18.88
C GLU B 138 -12.15 25.30 20.39
N HIS B 139 -11.59 24.20 20.90
CA HIS B 139 -11.44 24.01 22.33
C HIS B 139 -10.13 24.57 22.87
N ASP B 140 -9.21 24.95 22.00
CA ASP B 140 -7.92 25.47 22.41
C ASP B 140 -7.22 24.51 23.36
N LYS B 141 -7.16 23.24 22.94
CA LYS B 141 -6.67 22.14 23.77
C LYS B 141 -5.70 21.28 22.97
N VAL B 142 -4.59 20.91 23.60
CA VAL B 142 -3.58 20.05 23.00
C VAL B 142 -3.55 18.75 23.78
N LEU B 143 -3.47 17.61 23.07
CA LEU B 143 -3.60 16.31 23.71
C LEU B 143 -2.50 15.36 23.24
N HIS B 144 -1.85 14.67 24.17
CA HIS B 144 -0.89 13.63 23.84
C HIS B 144 -1.42 12.30 24.32
N ILE B 145 -1.36 11.29 23.44
CA ILE B 145 -1.79 9.93 23.78
C ILE B 145 -0.53 9.09 24.01
N PRO B 146 -0.22 8.71 25.24
CA PRO B 146 1.00 7.95 25.51
C PRO B 146 0.82 6.48 25.17
N ALA B 147 1.95 5.85 24.83
CA ALA B 147 1.98 4.41 24.62
C ALA B 147 2.19 3.71 25.96
N ASP B 148 1.12 3.72 26.77
CA ASP B 148 1.12 3.19 28.12
C ASP B 148 0.29 1.91 28.26
N GLY B 149 -0.21 1.38 27.15
CA GLY B 149 -1.01 0.17 27.18
C GLY B 149 -2.46 0.37 27.55
N ASP B 150 -2.91 1.62 27.69
CA ASP B 150 -4.30 1.93 27.96
C ASP B 150 -4.97 2.51 26.72
N LEU B 151 -6.30 2.47 26.72
CA LEU B 151 -7.12 2.87 25.57
C LEU B 151 -7.64 4.28 25.79
N TYR B 152 -7.56 5.13 24.76
CA TYR B 152 -7.97 6.52 24.88
C TYR B 152 -9.04 6.83 23.83
N TYR B 153 -10.25 7.16 24.30
CA TYR B 153 -11.24 7.81 23.47
C TYR B 153 -10.71 9.17 23.07
N VAL B 154 -10.81 9.51 21.78
CA VAL B 154 -10.45 10.83 21.29
C VAL B 154 -11.55 11.32 20.36
N ASP B 155 -12.18 12.43 20.71
CA ASP B 155 -13.32 12.88 19.90
C ASP B 155 -12.85 13.74 18.72
N THR B 156 -12.45 13.06 17.65
CA THR B 156 -12.01 13.75 16.45
C THR B 156 -13.18 14.24 15.58
N ARG B 157 -14.42 14.17 16.06
CA ARG B 157 -15.47 14.97 15.44
C ARG B 157 -15.26 16.45 15.69
N GLN B 158 -14.58 16.80 16.78
CA GLN B 158 -14.32 18.20 17.06
C GLN B 158 -13.25 18.73 16.12
N LEU B 159 -13.34 20.03 15.81
CA LEU B 159 -12.40 20.62 14.86
C LEU B 159 -10.97 20.45 15.35
N HIS B 160 -10.12 19.84 14.52
CA HIS B 160 -8.80 19.48 15.03
C HIS B 160 -7.83 19.21 13.89
N SER B 161 -6.54 19.22 14.24
CA SER B 161 -5.52 18.61 13.42
C SER B 161 -4.71 17.68 14.30
N ALA B 162 -3.81 16.93 13.69
CA ALA B 162 -2.84 16.14 14.42
C ALA B 162 -1.50 16.32 13.74
N PHE B 163 -0.44 16.36 14.53
CA PHE B 163 0.88 16.54 13.96
C PHE B 163 1.87 15.59 14.63
N ASN B 164 2.90 15.25 13.87
CA ASN B 164 4.02 14.46 14.38
C ASN B 164 5.30 15.20 14.05
N GLY B 165 5.81 15.99 15.00
CA GLY B 165 7.03 16.74 14.80
C GLY B 165 8.30 15.94 14.99
N GLY B 166 8.18 14.63 15.15
CA GLY B 166 9.32 13.79 15.46
C GLY B 166 10.01 13.26 14.20
N ASP B 167 11.16 12.62 14.43
CA ASP B 167 11.92 12.01 13.36
C ASP B 167 11.40 10.64 12.96
N ASP B 168 10.57 10.01 13.81
CA ASP B 168 10.05 8.68 13.56
C ASP B 168 8.54 8.71 13.41
N MET B 169 8.02 7.73 12.69
CA MET B 169 6.58 7.64 12.48
C MET B 169 5.88 7.32 13.81
N ALA B 170 4.72 7.96 14.02
CA ALA B 170 3.88 7.72 15.18
C ALA B 170 2.79 6.75 14.77
N ILE B 171 2.51 5.76 15.60
CA ILE B 171 1.63 4.65 15.21
C ILE B 171 0.63 4.38 16.32
N HIS B 172 -0.65 4.28 15.95
CA HIS B 172 -1.73 3.90 16.86
C HIS B 172 -2.50 2.70 16.30
N ILE B 173 -3.11 1.92 17.19
CA ILE B 173 -4.23 1.08 16.77
C ILE B 173 -5.51 1.86 17.06
N VAL B 174 -6.40 1.93 16.08
CA VAL B 174 -7.57 2.79 16.15
C VAL B 174 -8.83 1.92 16.00
N PHE B 175 -9.64 1.86 17.06
CA PHE B 175 -10.83 1.01 17.12
C PHE B 175 -12.10 1.84 16.99
N GLY B 176 -13.02 1.37 16.15
CA GLY B 176 -14.38 1.86 16.21
C GLY B 176 -15.23 1.01 17.12
N THR B 177 -16.40 1.51 17.48
CA THR B 177 -17.35 0.66 18.19
C THR B 177 -18.78 1.11 17.89
N ASP B 178 -19.71 0.16 17.96
CA ASP B 178 -21.14 0.46 17.91
C ASP B 178 -21.62 1.05 19.22
C5 P3G C . 11.19 -6.95 -9.67
C6 P3G C . 12.26 -7.47 -10.60
O3 P3G C . 11.61 -7.87 -11.78
C7 P3G C . 11.99 -7.05 -12.92
C8 P3G C . 11.48 -5.58 -12.84
O4 P3G C . 11.91 -4.92 -14.06
C9 P3G C . 12.09 -3.48 -14.11
C10 P3G C . 10.80 -2.69 -13.84
O5 P3G C . 11.02 -1.27 -13.95
C11 P3G C . 10.16 -0.59 -13.02
C12 P3G C . 9.50 0.70 -13.53
O6 P3G C . 8.62 0.53 -14.66
C13 P3G C . 8.57 1.77 -15.40
C14 P3G C . 9.91 1.93 -16.18
O7 P3G C . 9.94 3.17 -16.89
C15 P3G C . 10.71 3.10 -18.10
C16 P3G C . 12.21 3.12 -17.79
C5 P3G D . -12.02 7.46 11.22
C6 P3G D . -10.77 8.26 10.85
O3 P3G D . -10.25 9.02 11.97
C7 P3G D . -9.59 8.14 12.91
C8 P3G D . -9.07 8.88 14.17
O4 P3G D . -8.07 9.88 13.89
C9 P3G D . -7.01 9.28 13.14
C10 P3G D . -5.61 9.72 13.59
O5 P3G D . -4.71 9.01 12.72
C11 P3G D . -3.30 8.97 12.94
C12 P3G D . -2.95 8.11 14.16
O6 P3G D . -1.54 8.08 14.26
C13 P3G D . -0.89 8.65 15.39
C14 P3G D . -1.26 10.12 15.62
O7 P3G D . -0.47 10.57 16.72
C15 P3G D . -1.15 11.47 17.59
C16 P3G D . -1.21 12.82 16.93
#